data_7GY1
#
_entry.id   7GY1
#
_cell.length_a   67.760
_cell.length_b   67.760
_cell.length_c   166.290
_cell.angle_alpha   90.000
_cell.angle_beta   90.000
_cell.angle_gamma   120.000
#
_symmetry.space_group_name_H-M   'P 61 2 2'
#
loop_
_entity.id
_entity.type
_entity.pdbx_description
1 polymer 'B-cell lymphoma 6 protein'
2 polymer 'WVIP tetrapeptide'
3 non-polymer (8S)-5-chloro-7-[(2-oxo-2,3-dihydro-1H-indol-5-yl)amino]pyrazolo[1,5-a]pyrimidine-3-carbonitrile
4 non-polymer 'CHLORIDE ION'
5 non-polymer 'DIMETHYL SULFOXIDE'
6 water water
#
loop_
_entity_poly.entity_id
_entity_poly.type
_entity_poly.pdbx_seq_one_letter_code
_entity_poly.pdbx_strand_id
1 'polypeptide(L)'
;GPGADSCIQFTRHASDVLLNLNRLRSRDILTDVVIVVSREQFRAHKTVLMACSGLFYSIFTDQLKCNLSVINLDPEINPE
GFCILLDFMYTSRLNLREGNIMAVMATAMYLQMEHVVDTCRKFIKASE
;
A
2 'polypeptide(L)' (ACE)WVIPA D
#
loop_
_chem_comp.id
_chem_comp.type
_chem_comp.name
_chem_comp.formula
A1ACC non-polymer (8S)-5-chloro-7-[(2-oxo-2,3-dihydro-1H-indol-5-yl)amino]pyrazolo[1,5-a]pyrimidine-3-carbonitrile 'C15 H9 Cl N6 O'
ACE non-polymer 'ACETYL GROUP' 'C2 H4 O'
CL non-polymer 'CHLORIDE ION' 'Cl -1'
DMS non-polymer 'DIMETHYL SULFOXIDE' 'C2 H6 O S'
#
# COMPACT_ATOMS: atom_id res chain seq x y z
N SER A 6 29.89 -7.05 10.71
CA SER A 6 30.31 -6.12 11.78
C SER A 6 29.59 -4.75 11.73
N CYS A 7 28.51 -4.62 10.93
CA CYS A 7 27.72 -3.41 10.79
C CYS A 7 27.04 -2.98 12.11
N ILE A 8 26.73 -1.69 12.24
CA ILE A 8 25.89 -1.15 13.31
C ILE A 8 24.56 -0.82 12.60
N GLN A 9 23.46 -0.71 13.33
N GLN A 9 23.45 -0.87 13.34
CA GLN A 9 22.18 -0.42 12.70
CA GLN A 9 22.11 -0.65 12.81
C GLN A 9 21.41 0.70 13.40
C GLN A 9 21.44 0.56 13.45
N PHE A 10 20.81 1.61 12.61
N PHE A 10 20.75 1.37 12.62
CA PHE A 10 19.98 2.71 13.13
CA PHE A 10 20.00 2.54 13.07
C PHE A 10 18.52 2.24 13.15
C PHE A 10 18.55 2.11 13.13
N THR A 11 18.04 1.91 14.36
CA THR A 11 16.68 1.38 14.60
C THR A 11 15.54 2.12 13.87
N ARG A 12 15.51 3.47 13.95
CA ARG A 12 14.43 4.26 13.35
C ARG A 12 14.58 4.56 11.86
N HIS A 13 15.68 4.11 11.20
CA HIS A 13 15.94 4.45 9.80
C HIS A 13 14.80 4.08 8.85
N ALA A 14 14.33 2.80 8.85
CA ALA A 14 13.24 2.35 7.95
C ALA A 14 11.96 3.18 8.12
N SER A 15 11.57 3.49 9.37
N SER A 15 11.58 3.49 9.37
N SER A 15 11.57 3.48 9.37
CA SER A 15 10.37 4.30 9.67
CA SER A 15 10.40 4.30 9.71
CA SER A 15 10.38 4.29 9.67
C SER A 15 10.54 5.74 9.17
C SER A 15 10.55 5.73 9.16
C SER A 15 10.55 5.73 9.12
N ASP A 16 11.76 6.32 9.29
CA ASP A 16 12.09 7.67 8.81
C ASP A 16 12.04 7.72 7.28
N VAL A 17 12.53 6.66 6.61
CA VAL A 17 12.47 6.58 5.14
C VAL A 17 11.00 6.61 4.71
N LEU A 18 10.17 5.75 5.32
CA LEU A 18 8.76 5.64 4.95
C LEU A 18 7.97 6.94 5.17
N LEU A 19 8.26 7.64 6.29
CA LEU A 19 7.67 8.94 6.60
C LEU A 19 7.98 9.96 5.49
N ASN A 20 9.23 9.98 5.00
CA ASN A 20 9.62 10.88 3.91
C ASN A 20 9.01 10.46 2.57
N LEU A 21 8.85 9.14 2.33
CA LEU A 21 8.16 8.69 1.11
C LEU A 21 6.68 9.14 1.14
N ASN A 22 6.07 9.12 2.33
CA ASN A 22 4.68 9.60 2.48
C ASN A 22 4.59 11.14 2.26
N ARG A 23 5.61 11.89 2.73
CA ARG A 23 5.67 13.35 2.51
C ARG A 23 5.75 13.65 1.01
N LEU A 24 6.56 12.87 0.26
CA LEU A 24 6.70 12.99 -1.19
C LEU A 24 5.34 12.76 -1.86
N ARG A 25 4.58 11.71 -1.40
CA ARG A 25 3.24 11.40 -1.91
C ARG A 25 2.27 12.58 -1.69
N SER A 26 2.24 13.15 -0.46
N SER A 26 2.25 13.15 -0.45
CA SER A 26 1.36 14.28 -0.13
CA SER A 26 1.40 14.30 -0.09
C SER A 26 1.64 15.52 -1.01
C SER A 26 1.65 15.51 -0.99
N ARG A 27 2.93 15.79 -1.29
CA ARG A 27 3.36 16.92 -2.11
C ARG A 27 3.36 16.60 -3.61
N ASP A 28 3.04 15.34 -3.97
CA ASP A 28 2.98 14.84 -5.35
C ASP A 28 4.36 14.94 -6.05
N ILE A 29 5.45 14.71 -5.29
CA ILE A 29 6.80 14.77 -5.82
C ILE A 29 7.23 13.38 -6.28
N LEU A 30 7.68 13.30 -7.56
CA LEU A 30 8.21 12.10 -8.21
C LEU A 30 7.24 10.92 -8.28
N THR A 31 5.93 11.18 -8.11
CA THR A 31 4.91 10.16 -8.32
C THR A 31 4.96 9.87 -9.83
N ASP A 32 4.89 8.59 -10.21
CA ASP A 32 5.03 8.17 -11.61
C ASP A 32 3.88 7.31 -12.08
N VAL A 33 2.80 7.20 -11.29
CA VAL A 33 1.63 6.43 -11.70
C VAL A 33 0.34 6.97 -11.06
N VAL A 34 -0.79 6.82 -11.78
CA VAL A 34 -2.12 7.11 -11.28
C VAL A 34 -2.85 5.76 -11.27
N ILE A 35 -3.43 5.42 -10.13
CA ILE A 35 -4.23 4.21 -9.97
C ILE A 35 -5.69 4.66 -10.01
N VAL A 36 -6.43 4.14 -10.98
CA VAL A 36 -7.83 4.51 -11.20
C VAL A 36 -8.72 3.41 -10.62
N VAL A 37 -9.56 3.79 -9.66
CA VAL A 37 -10.47 2.89 -8.96
C VAL A 37 -11.85 3.49 -9.16
N SER A 38 -12.56 2.97 -10.19
N SER A 38 -12.58 3.01 -10.18
CA SER A 38 -13.90 3.37 -10.64
CA SER A 38 -13.91 3.52 -10.58
C SER A 38 -14.06 4.90 -10.63
C SER A 38 -13.79 5.02 -10.96
N ARG A 39 -13.26 5.55 -11.50
N ARG A 39 -14.50 5.91 -10.25
CA ARG A 39 -13.16 6.99 -11.75
CA ARG A 39 -14.51 7.36 -10.50
C ARG A 39 -12.42 7.78 -10.64
C ARG A 39 -13.36 8.10 -9.80
N GLU A 40 -12.19 7.18 -9.45
N GLU A 40 -12.54 7.40 -9.03
CA GLU A 40 -11.43 7.82 -8.36
CA GLU A 40 -11.45 8.02 -8.26
C GLU A 40 -9.94 7.61 -8.65
C GLU A 40 -10.06 7.73 -8.79
N GLN A 41 -9.14 8.69 -8.57
CA GLN A 41 -7.73 8.62 -8.95
C GLN A 41 -6.80 8.77 -7.77
N PHE A 42 -5.73 7.95 -7.73
CA PHE A 42 -4.74 7.96 -6.64
C PHE A 42 -3.34 7.98 -7.23
N ARG A 43 -2.59 9.04 -6.96
CA ARG A 43 -1.20 9.13 -7.42
C ARG A 43 -0.29 8.43 -6.43
N ALA A 44 0.72 7.70 -6.94
CA ALA A 44 1.65 6.96 -6.06
C ALA A 44 2.99 6.78 -6.74
N HIS A 45 3.93 6.17 -6.03
CA HIS A 45 5.26 5.83 -6.54
C HIS A 45 5.18 4.33 -6.85
N LYS A 46 5.52 3.94 -8.08
CA LYS A 46 5.54 2.54 -8.52
C LYS A 46 6.37 1.66 -7.55
N THR A 47 7.56 2.12 -7.15
CA THR A 47 8.48 1.38 -6.26
C THR A 47 7.83 1.04 -4.92
N VAL A 48 7.08 1.99 -4.32
CA VAL A 48 6.40 1.73 -3.04
C VAL A 48 5.28 0.70 -3.23
N LEU A 49 4.47 0.87 -4.31
CA LEU A 49 3.37 -0.05 -4.64
C LEU A 49 3.88 -1.49 -4.81
N MET A 50 4.98 -1.67 -5.53
CA MET A 50 5.61 -3.00 -5.74
C MET A 50 6.11 -3.58 -4.42
N ALA A 51 6.71 -2.72 -3.59
CA ALA A 51 7.27 -3.13 -2.29
C ALA A 51 6.19 -3.61 -1.30
N CYS A 52 4.93 -3.19 -1.48
CA CYS A 52 3.82 -3.51 -0.56
C CYS A 52 2.81 -4.52 -1.06
N SER A 53 2.75 -4.73 -2.36
CA SER A 53 1.70 -5.49 -2.98
C SER A 53 2.18 -6.51 -4.02
N GLY A 54 1.73 -7.76 -3.88
CA GLY A 54 2.03 -8.82 -4.83
C GLY A 54 1.48 -8.51 -6.21
N LEU A 55 0.27 -7.88 -6.26
CA LEU A 55 -0.33 -7.48 -7.53
C LEU A 55 0.52 -6.42 -8.27
N PHE A 56 0.86 -5.30 -7.59
CA PHE A 56 1.67 -4.26 -8.24
C PHE A 56 3.08 -4.73 -8.57
N TYR A 57 3.66 -5.62 -7.74
CA TYR A 57 4.96 -6.22 -8.01
C TYR A 57 4.90 -6.98 -9.37
N SER A 58 3.82 -7.75 -9.59
N SER A 58 3.82 -7.75 -9.59
CA SER A 58 3.63 -8.49 -10.85
CA SER A 58 3.59 -8.51 -10.83
C SER A 58 3.46 -7.53 -12.03
C SER A 58 3.40 -7.57 -12.03
N ILE A 59 2.58 -6.51 -11.87
CA ILE A 59 2.28 -5.48 -12.89
C ILE A 59 3.52 -4.72 -13.33
N PHE A 60 4.27 -4.15 -12.37
CA PHE A 60 5.38 -3.28 -12.70
C PHE A 60 6.70 -4.02 -13.03
N THR A 61 6.73 -5.37 -12.96
CA THR A 61 7.90 -6.13 -13.43
C THR A 61 7.63 -6.61 -14.86
N ASP A 62 6.36 -6.44 -15.31
CA ASP A 62 5.97 -6.78 -16.67
C ASP A 62 6.59 -5.75 -17.63
N GLN A 63 7.33 -6.26 -18.63
CA GLN A 63 8.04 -5.48 -19.65
C GLN A 63 7.20 -4.41 -20.40
N LEU A 64 5.84 -4.58 -20.49
CA LEU A 64 4.94 -3.59 -21.11
C LEU A 64 4.27 -2.67 -20.09
N LYS A 65 3.68 -3.26 -19.02
CA LYS A 65 2.96 -2.51 -17.98
C LYS A 65 3.84 -1.58 -17.14
N CYS A 66 5.14 -1.91 -17.01
CA CYS A 66 6.12 -1.10 -16.24
C CYS A 66 6.20 0.35 -16.73
N ASN A 67 5.90 0.60 -18.03
CA ASN A 67 5.96 1.95 -18.63
C ASN A 67 4.60 2.69 -18.66
N LEU A 68 3.54 2.09 -18.09
CA LEU A 68 2.24 2.75 -18.09
C LEU A 68 2.17 3.81 -17.00
N SER A 69 1.55 4.96 -17.31
N SER A 69 1.56 4.97 -17.31
CA SER A 69 1.39 6.07 -16.38
CA SER A 69 1.41 6.06 -16.35
C SER A 69 0.04 5.97 -15.66
C SER A 69 0.05 5.95 -15.63
N VAL A 70 -0.88 5.15 -16.21
CA VAL A 70 -2.22 4.92 -15.66
C VAL A 70 -2.50 3.41 -15.54
N ILE A 71 -3.00 2.96 -14.38
CA ILE A 71 -3.40 1.57 -14.15
C ILE A 71 -4.84 1.58 -13.67
N ASN A 72 -5.72 0.82 -14.35
CA ASN A 72 -7.12 0.73 -13.96
C ASN A 72 -7.35 -0.56 -13.21
N LEU A 73 -7.90 -0.46 -12.00
CA LEU A 73 -8.19 -1.66 -11.23
C LEU A 73 -9.57 -2.20 -11.58
N ASP A 74 -9.83 -3.47 -11.23
CA ASP A 74 -11.09 -4.18 -11.44
C ASP A 74 -12.28 -3.31 -10.93
N PRO A 75 -13.39 -3.17 -11.69
CA PRO A 75 -14.52 -2.35 -11.24
C PRO A 75 -15.15 -2.77 -9.92
N GLU A 76 -14.89 -4.01 -9.46
CA GLU A 76 -15.42 -4.48 -8.17
C GLU A 76 -14.65 -3.85 -6.98
N ILE A 77 -13.46 -3.28 -7.23
CA ILE A 77 -12.65 -2.70 -6.15
C ILE A 77 -13.25 -1.38 -5.66
N ASN A 78 -13.43 -1.30 -4.34
CA ASN A 78 -14.00 -0.15 -3.65
C ASN A 78 -12.93 0.97 -3.49
N PRO A 79 -13.21 2.23 -3.94
CA PRO A 79 -12.22 3.32 -3.75
C PRO A 79 -11.77 3.59 -2.31
N GLU A 80 -12.70 3.53 -1.33
CA GLU A 80 -12.34 3.76 0.07
C GLU A 80 -11.39 2.64 0.57
N GLY A 81 -11.71 1.39 0.24
CA GLY A 81 -10.87 0.25 0.57
C GLY A 81 -9.46 0.44 0.03
N PHE A 82 -9.35 0.90 -1.25
CA PHE A 82 -8.04 1.16 -1.85
C PHE A 82 -7.33 2.30 -1.13
N CYS A 83 -8.05 3.39 -0.84
CA CYS A 83 -7.50 4.54 -0.13
C CYS A 83 -6.88 4.15 1.22
N ILE A 84 -7.60 3.33 1.99
CA ILE A 84 -7.17 2.84 3.30
C ILE A 84 -5.88 2.00 3.14
N LEU A 85 -5.84 1.14 2.09
CA LEU A 85 -4.67 0.30 1.86
C LEU A 85 -3.48 1.09 1.35
N LEU A 86 -3.71 2.11 0.52
CA LEU A 86 -2.65 2.98 0.02
C LEU A 86 -2.04 3.77 1.21
N ASP A 87 -2.89 4.27 2.13
CA ASP A 87 -2.44 4.97 3.35
C ASP A 87 -1.58 4.01 4.20
N PHE A 88 -2.02 2.74 4.35
CA PHE A 88 -1.27 1.70 5.06
C PHE A 88 0.12 1.49 4.43
N MET A 89 0.18 1.36 3.10
CA MET A 89 1.44 1.17 2.38
C MET A 89 2.47 2.23 2.75
N TYR A 90 2.04 3.49 2.81
CA TYR A 90 2.92 4.61 3.09
C TYR A 90 3.11 4.94 4.56
N THR A 91 2.39 4.28 5.50
CA THR A 91 2.51 4.68 6.93
C THR A 91 2.63 3.54 7.95
N SER A 92 2.30 2.29 7.54
N SER A 92 2.29 2.30 7.53
CA SER A 92 2.26 1.08 8.41
CA SER A 92 2.23 1.06 8.35
C SER A 92 0.98 1.05 9.25
C SER A 92 0.98 1.05 9.26
N ARG A 93 0.13 2.09 9.15
CA ARG A 93 -1.12 2.23 9.91
C ARG A 93 -2.35 1.89 9.08
N LEU A 94 -3.21 1.03 9.64
CA LEU A 94 -4.41 0.53 8.99
C LEU A 94 -5.66 0.99 9.70
N ASN A 95 -6.46 1.81 9.00
CA ASN A 95 -7.72 2.34 9.54
C ASN A 95 -8.84 1.30 9.33
N LEU A 96 -8.79 0.24 10.15
CA LEU A 96 -9.72 -0.88 10.08
C LEU A 96 -10.91 -0.64 11.00
N ARG A 97 -12.12 -0.56 10.41
CA ARG A 97 -13.37 -0.27 11.11
C ARG A 97 -14.44 -1.28 10.73
N GLU A 98 -15.48 -1.43 11.57
CA GLU A 98 -16.60 -2.34 11.30
C GLU A 98 -17.25 -2.04 9.94
N GLY A 99 -17.43 -0.75 9.64
CA GLY A 99 -18.04 -0.28 8.41
C GLY A 99 -17.21 -0.45 7.15
N ASN A 100 -15.88 -0.66 7.29
CA ASN A 100 -15.03 -0.82 6.11
C ASN A 100 -14.29 -2.15 6.01
N ILE A 101 -14.33 -3.01 7.06
CA ILE A 101 -13.52 -4.25 7.11
C ILE A 101 -13.73 -5.19 5.89
N MET A 102 -14.98 -5.41 5.45
CA MET A 102 -15.22 -6.29 4.30
C MET A 102 -14.57 -5.76 3.02
N ALA A 103 -14.68 -4.43 2.78
CA ALA A 103 -14.07 -3.77 1.61
C ALA A 103 -12.52 -3.80 1.69
N VAL A 104 -11.96 -3.56 2.89
CA VAL A 104 -10.50 -3.60 3.12
C VAL A 104 -9.96 -5.02 2.85
N MET A 105 -10.62 -6.06 3.39
CA MET A 105 -10.19 -7.44 3.20
C MET A 105 -10.23 -7.85 1.73
N ALA A 106 -11.34 -7.55 1.02
CA ALA A 106 -11.48 -7.88 -0.42
C ALA A 106 -10.42 -7.15 -1.25
N THR A 107 -10.14 -5.87 -0.94
CA THR A 107 -9.11 -5.09 -1.64
C THR A 107 -7.72 -5.67 -1.34
N ALA A 108 -7.43 -6.03 -0.07
CA ALA A 108 -6.14 -6.61 0.31
C ALA A 108 -5.91 -7.97 -0.38
N MET A 109 -6.97 -8.78 -0.55
CA MET A 109 -6.87 -10.07 -1.27
C MET A 109 -6.51 -9.81 -2.73
N TYR A 110 -7.18 -8.84 -3.37
CA TYR A 110 -6.94 -8.46 -4.77
C TYR A 110 -5.51 -7.91 -4.92
N LEU A 111 -5.08 -7.05 -3.99
CA LEU A 111 -3.75 -6.45 -4.06
C LEU A 111 -2.64 -7.40 -3.61
N GLN A 112 -3.01 -8.57 -3.04
CA GLN A 112 -2.10 -9.60 -2.52
C GLN A 112 -1.23 -8.99 -1.40
N MET A 113 -1.91 -8.50 -0.35
CA MET A 113 -1.27 -7.93 0.83
C MET A 113 -1.65 -8.86 1.97
N GLU A 114 -0.89 -9.97 2.06
CA GLU A 114 -1.13 -11.12 2.96
C GLU A 114 -1.25 -10.77 4.45
N HIS A 115 -0.41 -9.86 4.98
CA HIS A 115 -0.49 -9.50 6.41
C HIS A 115 -1.82 -8.77 6.75
N VAL A 116 -2.29 -7.90 5.84
CA VAL A 116 -3.58 -7.20 6.00
C VAL A 116 -4.72 -8.23 5.92
N VAL A 117 -4.69 -9.15 4.93
CA VAL A 117 -5.70 -10.21 4.80
C VAL A 117 -5.81 -10.99 6.12
N ASP A 118 -4.68 -11.51 6.65
N ASP A 118 -4.65 -11.36 6.71
CA ASP A 118 -4.65 -12.32 7.88
CA ASP A 118 -4.54 -12.10 7.98
C ASP A 118 -5.30 -11.63 9.09
C ASP A 118 -5.25 -11.39 9.15
N THR A 119 -5.06 -10.32 9.26
N THR A 119 -4.98 -10.09 9.39
CA THR A 119 -5.63 -9.55 10.39
CA THR A 119 -5.62 -9.36 10.49
C THR A 119 -7.10 -9.29 10.23
C THR A 119 -7.10 -9.13 10.26
N CYS A 120 -7.53 -9.00 8.98
CA CYS A 120 -8.94 -8.81 8.63
C CYS A 120 -9.69 -10.09 8.96
N ARG A 121 -9.08 -11.26 8.64
CA ARG A 121 -9.65 -12.59 8.93
C ARG A 121 -9.83 -12.80 10.44
N LYS A 122 -8.81 -12.46 11.23
CA LYS A 122 -8.82 -12.60 12.68
C LYS A 122 -9.84 -11.66 13.34
N PHE A 123 -9.97 -10.42 12.83
CA PHE A 123 -10.95 -9.45 13.35
C PHE A 123 -12.41 -9.87 13.04
N ILE A 124 -12.65 -10.49 11.86
CA ILE A 124 -13.99 -10.98 11.48
C ILE A 124 -14.37 -12.22 12.33
N LYS A 125 -13.40 -13.14 12.53
CA LYS A 125 -13.58 -14.37 13.32
C LYS A 125 -13.95 -14.03 14.77
N ALA A 126 -13.37 -12.96 15.34
CA ALA A 126 -13.65 -12.53 16.72
C ALA A 126 -15.08 -12.01 16.88
N SER A 127 -15.65 -11.41 15.81
CA SER A 127 -17.02 -10.86 15.81
C SER A 127 -18.12 -11.90 15.56
N GLU A 128 -17.76 -13.11 15.07
CA GLU A 128 -18.72 -14.20 14.80
C GLU A 128 -18.76 -15.23 15.92
C ACE B 1 20.19 4.06 17.43
O ACE B 1 19.55 3.43 16.58
CH3 ACE B 1 19.51 5.18 18.24
N TRP B 2 21.46 3.82 17.71
N TRP B 2 21.49 3.85 17.68
CA TRP B 2 22.26 2.80 17.03
CA TRP B 2 22.26 2.79 17.02
C TRP B 2 22.42 1.55 17.89
C TRP B 2 22.32 1.55 17.89
N VAL B 3 22.35 0.36 17.26
CA VAL B 3 22.44 -0.94 17.97
C VAL B 3 23.35 -1.92 17.20
N ILE B 4 23.74 -3.00 17.87
CA ILE B 4 24.42 -4.15 17.28
C ILE B 4 23.25 -5.02 16.79
N PRO B 5 23.05 -5.17 15.46
CA PRO B 5 21.90 -5.98 14.99
C PRO B 5 22.05 -7.47 15.27
N ALA B 6 20.92 -8.18 15.42
N3 A1ACC C . 6.92 -7.30 -3.43
C14 A1ACC C . 9.93 -9.48 -3.94
N4 A1ACC C . 2.89 -10.21 -0.95
C13 A1ACC C . 8.65 -9.15 -3.47
C12 A1ACC C . 5.49 -9.28 -3.46
C11 A1ACC C . 4.48 -10.07 -2.87
C10 A1ACC C . 3.88 -9.59 -1.71
C9 A1ACC C . 2.57 -9.41 0.16
C8 A1ACC C . 3.43 -8.12 0.12
N2 A1ACC C . 8.87 -5.59 -4.55
C7 A1ACC C . 4.25 -8.33 -1.11
C6 A1ACC C . 5.26 -7.55 -1.66
N1 A1ACC C . 9.09 -6.91 -4.26
C5 A1ACC C . 5.87 -8.04 -2.85
C4 A1ACC C . 8.18 -7.81 -3.65
C3 A1ACC C . 9.98 -5.20 -5.23
C2 A1ACC C . 10.36 -7.37 -4.73
C1 A1ACC C . 10.92 -6.28 -5.36
CL A1ACC C . 10.50 -11.07 -3.72
N5 A1ACC C . 10.79 -8.67 -4.57
C A1ACC C . 12.10 -6.31 -6.12
N A1ACC C . 13.06 -6.37 -6.74
O A1ACC C . 1.75 -9.77 0.96
CL CL D . 0.61 -6.53 3.91
S DMS E . 27.10 0.52 19.64
O DMS E . 26.23 -0.46 20.28
C1 DMS E . 26.11 1.06 18.27
C2 DMS E . 26.94 1.94 20.66
#